data_5LVW
#
_entry.id   5LVW
#
_cell.length_a   166.600
_cell.length_b   166.600
_cell.length_c   99.660
_cell.angle_alpha   90.00
_cell.angle_beta   90.00
_cell.angle_gamma   120.00
#
_symmetry.space_group_name_H-M   'P 62 2 2'
#
loop_
_entity.id
_entity.type
_entity.pdbx_description
1 polymer 'XiaF protein'
2 non-polymer 'FLAVIN-ADENINE DINUCLEOTIDE'
3 non-polymer INDOLE
4 non-polymer 'SULFATE ION'
5 water water
#
_entity_poly.entity_id   1
_entity_poly.type   'polypeptide(L)'
_entity_poly.pdbx_seq_one_letter_code
;HHHHHHSSGLVPRGSHMTDIRSETAELRAELVERVHKFGPVFADGVAEGERERRLPDATVRAIDQSQLAMLWTAKSYGGL
ETDVRTMSEVAKVLSHYCPSTSWVVNNVNGSNLLASKFPRAALDEVFGDAPGAKLASVFAAAGTAVRTPGGYRLTGSWPY
GTGILHDDWAILVAREVDADGEPVGGLSMLVPARDLTVEDTWHTVGMRATGSHTVVLRDTFVPEHRVISGELQRSRESAT
DLGLPPLFRTAAIAAMAVVCASVVLGAGQAARALVVEKAPTRGIAPSKYTRQTDSRTFVSSLGRTALSIDAAEMHVARAA
TALDDAAYDAVALPDSELLRIRGDVGQAVSLVTTALDELLWAHGAASFAESNPLQRYWRDANTAARHAMLNVHVGHELYG
GSFFGLDPIVPSL
;
_entity_poly.pdbx_strand_id   A
#
loop_
_chem_comp.id
_chem_comp.type
_chem_comp.name
_chem_comp.formula
FAD non-polymer 'FLAVIN-ADENINE DINUCLEOTIDE' 'C27 H33 N9 O15 P2'
IND non-polymer INDOLE 'C8 H7 N'
SO4 non-polymer 'SULFATE ION' 'O4 S -2'
#
# COMPACT_ATOMS: atom_id res chain seq x y z
N ARG A 21 15.91 20.30 -1.32
CA ARG A 21 15.79 18.94 -0.70
C ARG A 21 15.62 18.99 0.84
N SER A 22 16.28 19.95 1.49
CA SER A 22 16.16 20.09 2.94
C SER A 22 14.70 20.33 3.37
N GLU A 23 13.90 20.87 2.44
CA GLU A 23 12.45 20.98 2.63
C GLU A 23 11.77 19.62 2.80
N THR A 24 12.05 18.68 1.89
CA THR A 24 11.37 17.38 1.90
C THR A 24 11.71 16.52 3.13
N ALA A 25 12.88 16.73 3.72
CA ALA A 25 13.23 16.11 5.00
C ALA A 25 12.47 16.78 6.14
N GLU A 26 12.34 18.11 6.09
CA GLU A 26 11.57 18.87 7.08
C GLU A 26 10.09 18.50 7.07
N LEU A 27 9.53 18.34 5.87
CA LEU A 27 8.11 18.02 5.72
C LEU A 27 7.81 16.65 6.30
N ARG A 28 8.67 15.68 6.00
CA ARG A 28 8.57 14.33 6.56
C ARG A 28 8.48 14.36 8.08
N ALA A 29 9.36 15.13 8.71
CA ALA A 29 9.36 15.27 10.16
C ALA A 29 8.01 15.75 10.69
N GLU A 30 7.37 16.67 9.95
CA GLU A 30 6.06 17.18 10.31
C GLU A 30 4.95 16.14 10.11
N LEU A 31 4.99 15.42 8.99
CA LEU A 31 3.97 14.42 8.68
C LEU A 31 4.05 13.22 9.62
N VAL A 32 5.27 12.83 9.98
CA VAL A 32 5.48 11.80 11.00
C VAL A 32 4.93 12.29 12.34
N GLU A 33 5.15 13.56 12.65
CA GLU A 33 4.63 14.17 13.87
C GLU A 33 3.10 14.24 13.87
N ARG A 34 2.50 14.41 12.69
CA ARG A 34 1.04 14.36 12.56
C ARG A 34 0.48 12.98 12.88
N VAL A 35 1.17 11.94 12.41
CA VAL A 35 0.73 10.56 12.68
C VAL A 35 0.67 10.31 14.19
N HIS A 36 1.66 10.83 14.92
CA HIS A 36 1.68 10.73 16.38
C HIS A 36 0.57 11.56 17.01
N LYS A 37 0.27 12.72 16.43
CA LYS A 37 -0.80 13.59 16.91
C LYS A 37 -2.16 12.93 16.75
N PHE A 38 -2.43 12.43 15.54
CA PHE A 38 -3.71 11.77 15.23
C PHE A 38 -3.75 10.29 15.60
N GLY A 39 -2.58 9.71 15.90
CA GLY A 39 -2.45 8.30 16.25
C GLY A 39 -3.45 7.78 17.27
N PRO A 40 -3.59 8.49 18.41
CA PRO A 40 -4.56 8.11 19.43
C PRO A 40 -5.98 7.88 18.90
N VAL A 41 -6.40 8.67 17.92
CA VAL A 41 -7.72 8.50 17.29
C VAL A 41 -7.78 7.18 16.51
N PHE A 42 -6.73 6.89 15.75
CA PHE A 42 -6.65 5.64 14.99
C PHE A 42 -6.63 4.44 15.94
N ALA A 43 -5.77 4.53 16.97
CA ALA A 43 -5.67 3.49 17.99
C ALA A 43 -6.99 3.29 18.74
N ASP A 44 -7.73 4.39 18.92
CA ASP A 44 -9.01 4.36 19.64
C ASP A 44 -10.06 3.54 18.87
N GLY A 45 -10.03 3.63 17.55
CA GLY A 45 -11.02 2.95 16.70
C GLY A 45 -10.62 1.58 16.19
N VAL A 46 -9.62 0.95 16.80
CA VAL A 46 -9.15 -0.37 16.37
C VAL A 46 -10.20 -1.44 16.64
N ALA A 47 -10.74 -1.43 17.86
CA ALA A 47 -11.70 -2.45 18.29
C ALA A 47 -12.97 -2.45 17.45
N GLU A 48 -13.47 -1.27 17.10
CA GLU A 48 -14.67 -1.13 16.28
C GLU A 48 -14.43 -1.62 14.85
N GLY A 49 -13.31 -1.21 14.26
CA GLY A 49 -12.96 -1.62 12.90
C GLY A 49 -12.82 -3.12 12.76
N GLU A 50 -12.20 -3.74 13.76
CA GLU A 50 -12.08 -5.19 13.85
C GLU A 50 -13.46 -5.85 13.86
N ARG A 51 -14.37 -5.23 14.61
CA ARG A 51 -15.74 -5.73 14.80
C ARG A 51 -16.57 -5.55 13.53
N GLU A 52 -16.48 -4.37 12.93
CA GLU A 52 -17.36 -3.97 11.82
C GLU A 52 -16.76 -4.21 10.43
N ARG A 53 -15.45 -4.43 10.36
CA ARG A 53 -14.75 -4.67 9.09
C ARG A 53 -14.76 -3.44 8.16
N ARG A 54 -14.70 -2.25 8.77
CA ARG A 54 -14.54 -0.99 8.04
C ARG A 54 -13.99 0.06 9.00
N LEU A 55 -13.39 1.12 8.45
CA LEU A 55 -12.83 2.18 9.29
C LEU A 55 -13.92 2.99 9.99
N PRO A 56 -13.80 3.20 11.31
CA PRO A 56 -14.70 4.11 12.04
C PRO A 56 -14.72 5.52 11.47
N ASP A 57 -15.79 6.25 11.72
CA ASP A 57 -15.95 7.62 11.20
C ASP A 57 -14.88 8.57 11.74
N ALA A 58 -14.51 8.40 13.01
CA ALA A 58 -13.46 9.23 13.62
C ALA A 58 -12.13 9.07 12.90
N THR A 59 -11.83 7.84 12.47
CA THR A 59 -10.63 7.54 11.70
C THR A 59 -10.65 8.23 10.34
N VAL A 60 -11.76 8.09 9.61
CA VAL A 60 -11.89 8.71 8.29
C VAL A 60 -11.80 10.24 8.41
N ARG A 61 -12.46 10.78 9.44
CA ARG A 61 -12.31 12.20 9.79
C ARG A 61 -10.84 12.58 9.97
N ALA A 62 -10.15 11.80 10.79
CA ALA A 62 -8.73 12.05 11.08
C ALA A 62 -7.85 11.95 9.85
N ILE A 63 -8.13 10.97 8.98
CA ILE A 63 -7.40 10.81 7.72
C ILE A 63 -7.57 12.06 6.85
N ASP A 64 -8.79 12.60 6.81
CA ASP A 64 -9.08 13.80 6.02
C ASP A 64 -8.50 15.07 6.63
N GLN A 65 -8.55 15.19 7.96
CA GLN A 65 -7.97 16.35 8.65
C GLN A 65 -6.44 16.38 8.56
N SER A 66 -5.84 15.22 8.74
CA SER A 66 -4.37 15.09 8.76
C SER A 66 -3.72 15.28 7.38
N GLN A 67 -4.51 15.15 6.32
CA GLN A 67 -4.02 15.23 4.93
C GLN A 67 -3.13 14.05 4.55
N LEU A 68 -3.24 12.95 5.29
CA LEU A 68 -2.38 11.78 5.06
C LEU A 68 -2.75 11.00 3.79
N ALA A 69 -3.92 11.29 3.22
CA ALA A 69 -4.31 10.76 1.91
C ALA A 69 -3.87 11.66 0.76
N MET A 70 -3.25 12.80 1.08
CA MET A 70 -2.88 13.81 0.07
C MET A 70 -1.38 13.90 -0.19
N LEU A 71 -0.61 12.94 0.32
CA LEU A 71 0.85 12.96 0.17
C LEU A 71 1.29 12.88 -1.29
N TRP A 72 0.62 12.04 -2.08
CA TRP A 72 0.91 11.91 -3.51
C TRP A 72 -0.13 12.59 -4.40
N THR A 73 -0.78 13.62 -3.86
CA THR A 73 -1.65 14.49 -4.63
C THR A 73 -0.85 15.73 -5.04
N ALA A 74 -1.12 16.26 -6.23
CA ALA A 74 -0.37 17.40 -6.78
C ALA A 74 -0.57 18.68 -5.98
N LYS A 75 0.45 19.54 -5.99
CA LYS A 75 0.36 20.85 -5.33
C LYS A 75 -0.64 21.78 -6.04
N SER A 76 -0.77 21.60 -7.35
CA SER A 76 -1.71 22.41 -8.13
C SER A 76 -3.16 22.19 -7.71
N TYR A 77 -3.45 21.02 -7.16
CA TYR A 77 -4.77 20.71 -6.61
C TYR A 77 -4.84 20.88 -5.09
N GLY A 78 -3.82 21.50 -4.49
CA GLY A 78 -3.77 21.69 -3.05
C GLY A 78 -3.27 20.48 -2.27
N GLY A 79 -2.59 19.57 -2.95
CA GLY A 79 -2.01 18.39 -2.30
C GLY A 79 -0.64 18.69 -1.73
N LEU A 80 -0.10 17.73 -0.98
CA LEU A 80 1.21 17.87 -0.35
C LEU A 80 2.34 17.60 -1.34
N GLU A 81 2.13 16.64 -2.25
CA GLU A 81 3.09 16.32 -3.31
C GLU A 81 4.49 16.05 -2.75
N THR A 82 4.64 14.92 -2.06
CA THR A 82 5.89 14.56 -1.41
C THR A 82 6.70 13.62 -2.32
N ASP A 83 7.35 12.62 -1.73
CA ASP A 83 8.10 11.61 -2.49
C ASP A 83 7.88 10.21 -1.89
N VAL A 84 8.53 9.20 -2.47
CA VAL A 84 8.32 7.81 -2.05
C VAL A 84 8.80 7.57 -0.62
N ARG A 85 9.98 8.10 -0.29
CA ARG A 85 10.56 7.94 1.04
C ARG A 85 9.62 8.44 2.13
N THR A 86 9.08 9.64 1.94
CA THR A 86 8.20 10.27 2.93
C THR A 86 6.94 9.44 3.16
N MET A 87 6.33 8.97 2.08
CA MET A 87 5.14 8.11 2.18
C MET A 87 5.46 6.84 2.95
N SER A 88 6.62 6.25 2.65
CA SER A 88 7.07 5.03 3.33
C SER A 88 7.22 5.27 4.83
N GLU A 89 7.94 6.33 5.20
CA GLU A 89 8.19 6.63 6.61
C GLU A 89 6.90 6.89 7.38
N VAL A 90 5.96 7.57 6.74
CA VAL A 90 4.63 7.80 7.32
C VAL A 90 3.87 6.49 7.49
N ALA A 91 3.96 5.63 6.49
CA ALA A 91 3.30 4.33 6.51
C ALA A 91 3.74 3.47 7.69
N LYS A 92 5.05 3.48 7.97
CA LYS A 92 5.62 2.63 9.01
C LYS A 92 5.16 3.06 10.41
N VAL A 93 5.06 4.37 10.62
CA VAL A 93 4.63 4.91 11.90
C VAL A 93 3.13 4.70 12.08
N LEU A 94 2.35 4.89 11.01
CA LEU A 94 0.91 4.65 11.07
C LEU A 94 0.54 3.23 11.50
N SER A 95 1.29 2.26 11.01
CA SER A 95 1.05 0.85 11.34
C SER A 95 1.17 0.54 12.83
N HIS A 96 1.92 1.37 13.56
CA HIS A 96 2.01 1.24 15.02
C HIS A 96 0.65 1.41 15.69
N TYR A 97 -0.14 2.36 15.20
CA TYR A 97 -1.44 2.67 15.78
C TYR A 97 -2.55 1.75 15.26
N CYS A 98 -2.70 1.69 13.94
CA CYS A 98 -3.64 0.75 13.30
C CYS A 98 -3.15 0.36 11.90
N PRO A 99 -2.69 -0.90 11.75
CA PRO A 99 -2.23 -1.40 10.44
C PRO A 99 -3.23 -1.24 9.30
N SER A 100 -4.52 -1.42 9.59
CA SER A 100 -5.57 -1.28 8.57
C SER A 100 -5.63 0.15 8.04
N THR A 101 -5.61 1.12 8.94
CA THR A 101 -5.59 2.54 8.57
C THR A 101 -4.38 2.83 7.69
N SER A 102 -3.20 2.38 8.13
CA SER A 102 -1.97 2.54 7.36
C SER A 102 -2.11 1.97 5.96
N TRP A 103 -2.75 0.81 5.85
CA TRP A 103 -2.95 0.16 4.57
C TRP A 103 -3.88 0.88 3.68
N VAL A 104 -4.96 1.40 4.23
CA VAL A 104 -5.92 2.18 3.45
C VAL A 104 -5.29 3.48 3.00
N VAL A 105 -4.71 4.22 3.96
CA VAL A 105 -4.08 5.50 3.66
C VAL A 105 -3.09 5.35 2.51
N ASN A 106 -2.19 4.37 2.61
CA ASN A 106 -1.16 4.16 1.58
C ASN A 106 -1.71 3.73 0.22
N ASN A 107 -2.75 2.90 0.21
CA ASN A 107 -3.40 2.51 -1.03
C ASN A 107 -4.09 3.69 -1.73
N VAL A 108 -4.63 4.61 -0.94
CA VAL A 108 -5.27 5.81 -1.48
C VAL A 108 -4.25 6.69 -2.20
N ASN A 109 -3.13 6.98 -1.55
CA ASN A 109 -2.05 7.78 -2.16
C ASN A 109 -1.54 7.13 -3.44
N GLY A 110 -1.29 5.82 -3.35
CA GLY A 110 -0.85 5.04 -4.50
C GLY A 110 -1.84 5.11 -5.65
N SER A 111 -3.13 4.96 -5.34
CA SER A 111 -4.19 5.08 -6.34
C SER A 111 -4.25 6.50 -6.92
N ASN A 112 -4.09 7.49 -6.05
CA ASN A 112 -4.04 8.90 -6.47
C ASN A 112 -2.85 9.18 -7.40
N LEU A 113 -1.72 8.52 -7.14
CA LEU A 113 -0.54 8.68 -7.98
C LEU A 113 -0.77 8.06 -9.36
N LEU A 114 -1.44 6.91 -9.41
CA LEU A 114 -1.73 6.23 -10.67
C LEU A 114 -2.69 7.01 -11.55
N ALA A 115 -3.55 7.82 -10.93
CA ALA A 115 -4.51 8.65 -11.66
C ALA A 115 -3.83 9.72 -12.52
N SER A 116 -2.58 10.06 -12.20
CA SER A 116 -1.82 11.04 -12.98
C SER A 116 -1.51 10.59 -14.42
N LYS A 117 -1.75 9.32 -14.72
CA LYS A 117 -1.60 8.79 -16.08
C LYS A 117 -2.81 9.16 -16.96
N PHE A 118 -3.92 9.54 -16.32
CA PHE A 118 -5.12 9.94 -17.05
C PHE A 118 -5.00 11.37 -17.58
N PRO A 119 -5.86 11.76 -18.53
CA PRO A 119 -5.81 13.12 -19.08
C PRO A 119 -6.14 14.19 -18.04
N ARG A 120 -5.87 15.44 -18.39
CA ARG A 120 -6.11 16.56 -17.48
C ARG A 120 -7.59 16.69 -17.14
N ALA A 121 -8.44 16.36 -18.10
CA ALA A 121 -9.89 16.39 -17.93
C ALA A 121 -10.33 15.50 -16.76
N ALA A 122 -9.79 14.29 -16.72
CA ALA A 122 -10.08 13.36 -15.62
C ALA A 122 -9.53 13.90 -14.31
N LEU A 123 -8.26 14.32 -14.33
CA LEU A 123 -7.61 14.85 -13.13
C LEU A 123 -8.33 16.06 -12.56
N ASP A 124 -8.71 17.00 -13.44
CA ASP A 124 -9.48 18.16 -13.02
C ASP A 124 -10.83 17.76 -12.43
N GLU A 125 -11.50 16.80 -13.06
CA GLU A 125 -12.79 16.31 -12.57
C GLU A 125 -12.66 15.68 -11.18
N VAL A 126 -11.55 14.97 -10.96
CA VAL A 126 -11.32 14.25 -9.71
C VAL A 126 -10.81 15.18 -8.60
N PHE A 127 -9.78 15.98 -8.90
CA PHE A 127 -9.09 16.79 -7.89
C PHE A 127 -9.42 18.28 -7.91
N GLY A 128 -10.13 18.75 -8.94
CA GLY A 128 -10.39 20.18 -9.14
C GLY A 128 -10.98 20.88 -7.93
N ASP A 129 -12.05 20.33 -7.37
CA ASP A 129 -12.71 20.88 -6.18
C ASP A 129 -12.58 19.96 -4.97
N ALA A 130 -11.69 18.97 -5.06
CA ALA A 130 -11.48 18.01 -3.98
C ALA A 130 -9.99 17.76 -3.78
N PRO A 131 -9.32 18.64 -3.02
CA PRO A 131 -7.89 18.45 -2.70
C PRO A 131 -7.64 17.14 -1.94
N GLY A 132 -8.56 16.77 -1.07
CA GLY A 132 -8.46 15.54 -0.29
C GLY A 132 -9.21 14.37 -0.90
N ALA A 133 -9.28 14.32 -2.22
CA ALA A 133 -9.94 13.22 -2.92
C ALA A 133 -9.20 11.91 -2.67
N LYS A 134 -9.97 10.83 -2.50
CA LYS A 134 -9.42 9.51 -2.21
C LYS A 134 -9.86 8.49 -3.25
N LEU A 135 -8.90 7.89 -3.93
CA LEU A 135 -9.19 6.88 -4.96
C LEU A 135 -8.93 5.46 -4.47
N ALA A 136 -9.75 4.54 -4.96
CA ALA A 136 -9.46 3.12 -4.87
C ALA A 136 -8.87 2.70 -6.21
N SER A 137 -8.32 1.49 -6.24
CA SER A 137 -7.84 0.94 -7.50
C SER A 137 -7.64 -0.57 -7.36
N VAL A 138 -8.18 -1.32 -8.32
CA VAL A 138 -7.85 -2.74 -8.44
C VAL A 138 -7.34 -2.98 -9.85
N PHE A 139 -6.18 -3.60 -9.95
CA PHE A 139 -5.54 -3.83 -11.23
C PHE A 139 -5.82 -5.15 -11.90
N ALA A 140 -6.34 -6.10 -11.16
CA ALA A 140 -6.75 -7.36 -11.74
C ALA A 140 -7.86 -7.09 -12.76
N ALA A 141 -7.64 -7.51 -14.00
CA ALA A 141 -8.60 -7.27 -15.08
C ALA A 141 -9.82 -8.18 -14.93
N ALA A 142 -10.75 -7.76 -14.07
CA ALA A 142 -11.93 -8.57 -13.75
C ALA A 142 -13.19 -8.15 -14.50
N GLY A 143 -13.06 -7.24 -15.46
CA GLY A 143 -14.22 -6.73 -16.19
C GLY A 143 -13.98 -6.65 -17.69
N THR A 144 -15.07 -6.55 -18.45
CA THR A 144 -15.02 -6.35 -19.89
C THR A 144 -15.75 -5.06 -20.28
N ALA A 145 -15.16 -4.31 -21.21
CA ALA A 145 -15.74 -3.07 -21.68
C ALA A 145 -15.90 -3.10 -23.20
N VAL A 146 -16.93 -2.41 -23.69
CA VAL A 146 -17.18 -2.31 -25.13
C VAL A 146 -17.29 -0.84 -25.53
N ARG A 147 -16.96 -0.54 -26.78
CA ARG A 147 -17.11 0.81 -27.29
C ARG A 147 -18.57 1.19 -27.47
N THR A 148 -18.92 2.38 -26.98
CA THR A 148 -20.24 2.97 -27.15
C THR A 148 -20.00 4.43 -27.55
N PRO A 149 -21.00 5.09 -28.17
CA PRO A 149 -20.76 6.49 -28.56
C PRO A 149 -20.42 7.40 -27.37
N GLY A 150 -19.28 8.08 -27.46
CA GLY A 150 -18.84 9.02 -26.43
C GLY A 150 -18.01 8.43 -25.29
N GLY A 151 -17.83 7.11 -25.29
CA GLY A 151 -17.07 6.45 -24.23
C GLY A 151 -17.08 4.93 -24.31
N TYR A 152 -17.32 4.28 -23.17
CA TYR A 152 -17.35 2.82 -23.07
C TYR A 152 -18.49 2.36 -22.15
N ARG A 153 -18.94 1.13 -22.36
CA ARG A 153 -19.89 0.48 -21.45
C ARG A 153 -19.16 -0.65 -20.72
N LEU A 154 -19.12 -0.55 -19.39
CA LEU A 154 -18.27 -1.40 -18.56
C LEU A 154 -19.09 -2.32 -17.64
N THR A 155 -18.69 -3.59 -17.60
CA THR A 155 -19.31 -4.58 -16.72
C THR A 155 -18.22 -5.46 -16.09
N GLY A 156 -18.35 -5.76 -14.81
CA GLY A 156 -17.37 -6.61 -14.13
C GLY A 156 -17.56 -6.70 -12.62
N SER A 157 -16.73 -7.54 -12.00
CA SER A 157 -16.75 -7.76 -10.56
C SER A 157 -15.33 -7.80 -10.02
N TRP A 158 -14.92 -6.74 -9.33
CA TRP A 158 -13.53 -6.54 -8.93
C TRP A 158 -13.30 -6.75 -7.43
N PRO A 159 -12.70 -7.89 -7.04
CA PRO A 159 -12.46 -8.14 -5.61
C PRO A 159 -11.27 -7.35 -5.06
N TYR A 160 -11.13 -7.36 -3.76
CA TYR A 160 -10.05 -6.68 -3.08
C TYR A 160 -9.99 -5.18 -3.29
N GLY A 161 -11.13 -4.52 -3.21
CA GLY A 161 -11.22 -3.08 -3.37
C GLY A 161 -10.96 -2.36 -2.06
N THR A 162 -9.72 -2.19 -1.71
CA THR A 162 -9.36 -1.57 -0.46
C THR A 162 -9.92 -0.20 -0.21
N GLY A 163 -10.52 -0.04 0.94
CA GLY A 163 -11.05 1.25 1.37
C GLY A 163 -12.12 1.85 0.46
N ILE A 164 -12.75 1.01 -0.35
CA ILE A 164 -13.73 1.46 -1.34
C ILE A 164 -14.91 2.20 -0.72
N LEU A 165 -15.29 1.81 0.50
CA LEU A 165 -16.42 2.41 1.20
C LEU A 165 -16.23 3.91 1.47
N HIS A 166 -14.97 4.34 1.60
CA HIS A 166 -14.67 5.74 1.92
C HIS A 166 -14.12 6.52 0.73
N ASP A 167 -13.91 5.84 -0.40
CA ASP A 167 -13.26 6.45 -1.55
C ASP A 167 -14.26 7.16 -2.47
N ASP A 168 -13.77 8.18 -3.17
CA ASP A 168 -14.59 9.02 -4.04
C ASP A 168 -14.65 8.46 -5.47
N TRP A 169 -13.52 7.92 -5.94
CA TRP A 169 -13.44 7.29 -7.25
C TRP A 169 -12.74 5.93 -7.13
N ALA A 170 -12.71 5.20 -8.24
CA ALA A 170 -12.02 3.91 -8.31
C ALA A 170 -11.41 3.71 -9.69
N ILE A 171 -10.14 3.28 -9.73
CA ILE A 171 -9.48 2.93 -10.98
C ILE A 171 -9.63 1.42 -11.22
N LEU A 172 -10.38 1.05 -12.25
CA LEU A 172 -10.66 -0.35 -12.55
C LEU A 172 -10.11 -0.75 -13.90
N VAL A 173 -9.34 -1.85 -13.90
CA VAL A 173 -8.76 -2.38 -15.13
C VAL A 173 -9.75 -3.36 -15.76
N ALA A 174 -9.87 -3.30 -17.09
CA ALA A 174 -10.81 -4.15 -17.82
C ALA A 174 -10.27 -4.55 -19.20
N ARG A 175 -10.90 -5.55 -19.79
CA ARG A 175 -10.52 -6.07 -21.10
C ARG A 175 -11.52 -5.55 -22.13
N GLU A 176 -11.04 -4.76 -23.10
CA GLU A 176 -11.93 -4.26 -24.16
C GLU A 176 -12.29 -5.40 -25.11
N VAL A 177 -13.53 -5.39 -25.60
CA VAL A 177 -13.99 -6.38 -26.57
C VAL A 177 -14.83 -5.72 -27.66
N ASP A 178 -15.07 -6.46 -28.74
CA ASP A 178 -15.85 -5.95 -29.88
C ASP A 178 -17.30 -6.44 -29.82
N ALA A 179 -18.12 -5.97 -30.76
CA ALA A 179 -19.53 -6.36 -30.85
C ALA A 179 -19.72 -7.89 -30.79
N ASP A 180 -18.79 -8.62 -31.40
CA ASP A 180 -18.81 -10.08 -31.41
C ASP A 180 -18.41 -10.65 -30.04
N GLY A 181 -17.50 -9.95 -29.36
CA GLY A 181 -17.05 -10.34 -28.02
C GLY A 181 -15.61 -10.81 -27.94
N GLU A 182 -14.82 -10.57 -29.00
CA GLU A 182 -13.43 -10.98 -29.04
C GLU A 182 -12.53 -9.90 -28.40
N PRO A 183 -11.61 -10.30 -27.50
CA PRO A 183 -10.66 -9.37 -26.88
C PRO A 183 -9.88 -8.53 -27.90
N VAL A 184 -9.80 -7.22 -27.64
CA VAL A 184 -9.06 -6.29 -28.51
C VAL A 184 -7.93 -5.57 -27.76
N GLY A 185 -8.14 -5.21 -26.50
CA GLY A 185 -7.10 -4.55 -25.71
C GLY A 185 -7.42 -4.41 -24.23
N GLY A 186 -6.43 -3.96 -23.46
CA GLY A 186 -6.59 -3.71 -22.03
C GLY A 186 -6.88 -2.24 -21.77
N LEU A 187 -7.73 -1.97 -20.77
CA LEU A 187 -8.11 -0.61 -20.42
C LEU A 187 -7.95 -0.35 -18.92
N SER A 188 -7.68 0.90 -18.57
CA SER A 188 -7.73 1.38 -17.19
C SER A 188 -8.74 2.51 -17.13
N MET A 189 -9.75 2.36 -16.26
CA MET A 189 -10.94 3.21 -16.31
C MET A 189 -11.24 3.82 -14.95
N LEU A 190 -11.47 5.13 -14.94
CA LEU A 190 -11.74 5.88 -13.72
C LEU A 190 -13.22 6.14 -13.59
N VAL A 191 -13.86 5.53 -12.60
CA VAL A 191 -15.31 5.67 -12.42
C VAL A 191 -15.61 6.15 -10.98
N PRO A 192 -16.61 7.03 -10.83
CA PRO A 192 -16.95 7.61 -9.52
C PRO A 192 -17.78 6.70 -8.63
N ALA A 193 -17.92 7.08 -7.37
CA ALA A 193 -18.67 6.30 -6.38
C ALA A 193 -20.16 6.22 -6.70
N ARG A 194 -20.69 7.28 -7.32
CA ARG A 194 -22.11 7.31 -7.72
C ARG A 194 -22.47 6.15 -8.66
N ASP A 195 -21.54 5.74 -9.52
CA ASP A 195 -21.75 4.62 -10.44
C ASP A 195 -21.38 3.26 -9.82
N LEU A 196 -20.71 3.29 -8.67
CA LEU A 196 -20.27 2.06 -7.99
C LEU A 196 -21.39 1.40 -7.20
N THR A 197 -21.30 0.07 -7.08
CA THR A 197 -22.10 -0.69 -6.14
C THR A 197 -21.19 -1.76 -5.53
N VAL A 198 -21.15 -1.80 -4.20
CA VAL A 198 -20.17 -2.61 -3.45
C VAL A 198 -20.83 -3.83 -2.80
N GLU A 199 -20.28 -5.01 -3.07
CA GLU A 199 -20.73 -6.25 -2.43
C GLU A 199 -19.91 -6.54 -1.19
N ASP A 200 -20.57 -6.99 -0.12
CA ASP A 200 -19.89 -7.36 1.11
C ASP A 200 -19.27 -8.76 0.97
N THR A 201 -17.98 -8.79 0.63
CA THR A 201 -17.24 -10.06 0.47
C THR A 201 -15.98 -10.16 1.33
N TRP A 202 -15.66 -9.11 2.08
CA TRP A 202 -14.46 -9.08 2.88
C TRP A 202 -14.57 -9.60 4.28
N HIS A 203 -14.47 -10.91 4.40
CA HIS A 203 -14.50 -11.59 5.70
C HIS A 203 -13.17 -12.31 5.90
N THR A 204 -12.25 -11.65 6.60
CA THR A 204 -10.89 -12.16 6.78
C THR A 204 -10.50 -12.16 8.26
N VAL A 205 -9.33 -12.72 8.56
CA VAL A 205 -8.82 -12.77 9.93
C VAL A 205 -7.75 -11.71 10.22
N GLY A 206 -7.35 -10.97 9.18
CA GLY A 206 -6.44 -9.84 9.35
C GLY A 206 -6.76 -8.76 8.36
N MET A 207 -6.30 -7.54 8.63
CA MET A 207 -6.60 -6.37 7.78
C MET A 207 -8.12 -6.20 7.60
N ARG A 208 -8.86 -6.48 8.66
CA ARG A 208 -10.33 -6.52 8.59
C ARG A 208 -10.94 -5.15 8.30
N ALA A 209 -10.44 -4.12 8.97
CA ALA A 209 -10.98 -2.77 8.80
C ALA A 209 -10.67 -2.14 7.43
N THR A 210 -9.88 -2.82 6.62
CA THR A 210 -9.52 -2.32 5.30
C THR A 210 -10.68 -2.29 4.35
N GLY A 211 -11.68 -3.11 4.63
CA GLY A 211 -12.91 -3.14 3.85
C GLY A 211 -12.64 -3.36 2.38
N SER A 212 -11.83 -4.34 2.06
CA SER A 212 -11.50 -4.65 0.70
C SER A 212 -12.57 -5.50 0.09
N HIS A 213 -13.70 -4.86 -0.16
CA HIS A 213 -14.90 -5.50 -0.69
C HIS A 213 -14.83 -5.58 -2.21
N THR A 214 -15.80 -6.27 -2.81
CA THR A 214 -15.87 -6.42 -4.26
C THR A 214 -16.66 -5.26 -4.88
N VAL A 215 -16.07 -4.64 -5.90
CA VAL A 215 -16.73 -3.59 -6.66
C VAL A 215 -17.45 -4.23 -7.83
N VAL A 216 -18.74 -3.91 -7.99
CA VAL A 216 -19.54 -4.46 -9.08
C VAL A 216 -20.04 -3.35 -9.99
N LEU A 217 -20.04 -3.61 -11.29
CA LEU A 217 -20.62 -2.70 -12.27
C LEU A 217 -21.44 -3.50 -13.27
N ARG A 218 -22.48 -2.88 -13.82
CA ARG A 218 -23.36 -3.56 -14.76
C ARG A 218 -23.79 -2.58 -15.86
N ASP A 219 -23.16 -2.71 -17.02
CA ASP A 219 -23.41 -1.83 -18.17
C ASP A 219 -23.23 -0.35 -17.81
N THR A 220 -22.24 -0.08 -16.97
CA THR A 220 -21.96 1.28 -16.50
C THR A 220 -21.22 2.07 -17.57
N PHE A 221 -21.66 3.30 -17.79
CA PHE A 221 -21.07 4.18 -18.81
C PHE A 221 -19.83 4.90 -18.26
N VAL A 222 -18.74 4.85 -19.03
CA VAL A 222 -17.51 5.57 -18.69
C VAL A 222 -17.08 6.40 -19.90
N PRO A 223 -16.98 7.73 -19.74
CA PRO A 223 -16.64 8.58 -20.87
C PRO A 223 -15.18 8.45 -21.31
N GLU A 224 -14.90 8.91 -22.53
CA GLU A 224 -13.59 8.77 -23.18
C GLU A 224 -12.45 9.36 -22.35
N HIS A 225 -12.70 10.54 -21.77
CA HIS A 225 -11.66 11.27 -21.04
C HIS A 225 -11.25 10.59 -19.72
N ARG A 226 -12.07 9.68 -19.22
CA ARG A 226 -11.77 8.92 -18.00
C ARG A 226 -11.41 7.45 -18.29
N VAL A 227 -10.86 7.22 -19.48
CA VAL A 227 -10.39 5.89 -19.88
C VAL A 227 -9.06 6.02 -20.61
N ILE A 228 -8.09 5.22 -20.17
CA ILE A 228 -6.82 5.10 -20.88
C ILE A 228 -6.55 3.63 -21.15
N SER A 229 -5.61 3.36 -22.06
CA SER A 229 -5.18 1.99 -22.31
C SER A 229 -4.40 1.49 -21.11
N GLY A 230 -4.57 0.21 -20.78
CA GLY A 230 -3.76 -0.44 -19.75
C GLY A 230 -2.29 -0.32 -20.11
N GLU A 231 -2.03 -0.27 -21.41
CA GLU A 231 -0.68 -0.06 -21.94
C GLU A 231 -0.09 1.30 -21.52
N LEU A 232 -0.95 2.32 -21.39
CA LEU A 232 -0.53 3.65 -20.92
C LEU A 232 -0.51 3.77 -19.38
N GLN A 233 -1.32 2.96 -18.70
CA GLN A 233 -1.32 2.92 -17.24
C GLN A 233 0.02 2.43 -16.70
N ARG A 234 0.61 1.44 -17.38
CA ARG A 234 1.90 0.87 -16.99
C ARG A 234 3.09 1.75 -17.41
N SER A 235 2.82 2.80 -18.18
CA SER A 235 3.86 3.62 -18.80
C SER A 235 4.80 4.28 -17.79
N ARG A 236 6.08 4.34 -18.15
CA ARG A 236 7.10 5.06 -17.38
C ARG A 236 7.76 6.14 -18.26
N GLU A 237 7.04 6.58 -19.30
CA GLU A 237 7.53 7.61 -20.22
C GLU A 237 7.63 8.97 -19.54
N SER A 238 6.87 9.16 -18.48
CA SER A 238 6.91 10.40 -17.68
C SER A 238 8.22 10.57 -16.90
N ALA A 239 9.03 9.51 -16.83
CA ALA A 239 10.29 9.55 -16.09
C ALA A 239 11.26 10.64 -16.53
N THR A 240 11.31 10.91 -17.83
CA THR A 240 12.25 11.90 -18.39
C THR A 240 11.63 13.27 -18.65
N ASP A 241 10.32 13.40 -18.42
CA ASP A 241 9.59 14.63 -18.70
C ASP A 241 9.90 15.73 -17.68
N LEU A 242 10.67 16.74 -18.10
CA LEU A 242 11.05 17.86 -17.23
C LEU A 242 9.90 18.82 -16.94
N GLY A 243 8.83 18.75 -17.73
CA GLY A 243 7.63 19.56 -17.50
C GLY A 243 6.89 19.16 -16.24
N LEU A 244 6.83 17.86 -15.98
CA LEU A 244 6.19 17.32 -14.77
C LEU A 244 7.05 17.56 -13.53
N PRO A 245 6.42 17.72 -12.35
CA PRO A 245 7.18 17.70 -11.10
C PRO A 245 7.76 16.31 -10.81
N PRO A 246 8.79 16.23 -9.94
CA PRO A 246 9.48 14.96 -9.67
C PRO A 246 8.56 13.79 -9.31
N LEU A 247 7.56 14.04 -8.45
CA LEU A 247 6.66 12.98 -7.99
C LEU A 247 6.04 12.19 -9.15
N PHE A 248 5.63 12.91 -10.18
CA PHE A 248 4.92 12.30 -11.31
C PHE A 248 5.86 11.72 -12.37
N ARG A 249 7.17 11.88 -12.14
CA ARG A 249 8.18 11.18 -12.93
C ARG A 249 8.44 9.78 -12.34
N THR A 250 8.10 9.61 -11.06
CA THR A 250 8.34 8.36 -10.34
C THR A 250 7.59 7.18 -10.96
N ALA A 251 8.22 6.00 -10.92
CA ALA A 251 7.57 4.75 -11.34
C ALA A 251 6.50 4.38 -10.31
N ALA A 252 5.25 4.63 -10.68
CA ALA A 252 4.13 4.57 -9.73
C ALA A 252 3.85 3.17 -9.20
N ILE A 253 3.89 2.18 -10.09
CA ILE A 253 3.59 0.79 -9.70
C ILE A 253 4.63 0.28 -8.71
N ALA A 254 5.90 0.54 -9.01
CA ALA A 254 6.99 0.19 -8.10
C ALA A 254 6.84 0.94 -6.77
N ALA A 255 6.57 2.24 -6.86
CA ALA A 255 6.38 3.08 -5.68
C ALA A 255 5.24 2.57 -4.79
N MET A 256 4.18 2.08 -5.39
CA MET A 256 3.06 1.56 -4.65
C MET A 256 3.45 0.30 -3.88
N ALA A 257 4.18 -0.58 -4.52
CA ALA A 257 4.65 -1.78 -3.85
C ALA A 257 5.55 -1.47 -2.66
N VAL A 258 6.40 -0.45 -2.81
CA VAL A 258 7.32 -0.04 -1.74
C VAL A 258 6.57 0.42 -0.49
N VAL A 259 5.56 1.26 -0.68
CA VAL A 259 4.79 1.78 0.46
C VAL A 259 3.86 0.72 1.08
N CYS A 260 3.47 -0.26 0.29
CA CYS A 260 2.67 -1.34 0.79
C CYS A 260 3.54 -2.15 1.71
N ALA A 261 4.76 -2.40 1.29
CA ALA A 261 5.73 -3.12 2.13
C ALA A 261 6.02 -2.36 3.43
N SER A 262 6.00 -1.03 3.35
CA SER A 262 6.22 -0.19 4.53
C SER A 262 5.14 -0.40 5.57
N VAL A 263 3.91 -0.63 5.13
CA VAL A 263 2.79 -0.90 6.04
C VAL A 263 3.06 -2.17 6.82
N VAL A 264 3.46 -3.22 6.10
CA VAL A 264 3.78 -4.52 6.70
C VAL A 264 4.99 -4.39 7.63
N LEU A 265 6.02 -3.71 7.14
CA LEU A 265 7.23 -3.45 7.90
C LEU A 265 6.92 -2.77 9.23
N GLY A 266 6.16 -1.69 9.17
CA GLY A 266 5.80 -0.91 10.37
C GLY A 266 5.12 -1.73 11.44
N ALA A 267 4.25 -2.66 11.04
CA ALA A 267 3.59 -3.57 11.96
C ALA A 267 4.61 -4.45 12.68
N GLY A 268 5.57 -4.97 11.92
CA GLY A 268 6.64 -5.80 12.46
C GLY A 268 7.51 -5.04 13.45
N GLN A 269 7.76 -3.77 13.16
CA GLN A 269 8.54 -2.91 14.06
C GLN A 269 7.80 -2.65 15.37
N ALA A 270 6.48 -2.48 15.27
CA ALA A 270 5.64 -2.31 16.46
C ALA A 270 5.61 -3.58 17.32
N ALA A 271 5.59 -4.73 16.65
CA ALA A 271 5.67 -6.02 17.34
C ALA A 271 6.97 -6.14 18.13
N ARG A 272 8.08 -5.73 17.51
CA ARG A 272 9.39 -5.75 18.17
C ARG A 272 9.40 -4.86 19.40
N ALA A 273 8.94 -3.62 19.25
CA ALA A 273 8.90 -2.66 20.35
C ALA A 273 8.11 -3.19 21.54
N LEU A 274 6.97 -3.82 21.24
CA LEU A 274 6.10 -4.39 22.27
C LEU A 274 6.80 -5.51 23.05
N VAL A 275 7.44 -6.42 22.31
CA VAL A 275 8.16 -7.55 22.93
C VAL A 275 9.31 -7.03 23.80
N VAL A 276 9.99 -5.98 23.34
CA VAL A 276 11.04 -5.34 24.13
C VAL A 276 10.44 -4.69 25.37
N GLU A 277 9.30 -4.03 25.21
CA GLU A 277 8.66 -3.29 26.30
C GLU A 277 8.20 -4.24 27.43
N LYS A 278 7.73 -5.43 27.06
CA LYS A 278 7.13 -6.37 28.02
C LYS A 278 8.11 -7.42 28.56
N ALA A 279 9.28 -7.55 27.95
CA ALA A 279 10.23 -8.61 28.33
C ALA A 279 10.66 -8.59 29.80
N PRO A 280 10.94 -7.40 30.37
CA PRO A 280 11.38 -7.35 31.77
C PRO A 280 10.28 -7.67 32.81
N THR A 281 9.02 -7.72 32.37
CA THR A 281 7.90 -7.97 33.27
C THR A 281 7.31 -9.37 33.11
N ARG A 282 7.93 -10.19 32.26
CA ARG A 282 7.44 -11.55 31.97
C ARG A 282 8.55 -12.57 32.14
N GLY A 283 8.15 -13.83 32.31
CA GLY A 283 9.10 -14.94 32.38
C GLY A 283 9.02 -15.83 31.16
N ILE A 284 9.89 -16.84 31.12
CA ILE A 284 9.86 -17.87 30.08
C ILE A 284 9.42 -19.17 30.73
N ALA A 285 8.14 -19.51 30.57
CA ALA A 285 7.61 -20.74 31.13
C ALA A 285 8.09 -21.93 30.30
N PRO A 286 8.41 -23.06 30.96
CA PRO A 286 8.39 -23.35 32.39
C PRO A 286 9.78 -23.22 33.01
N SER A 287 10.62 -22.35 32.47
CA SER A 287 12.02 -22.29 32.85
C SER A 287 12.25 -21.55 34.16
N LYS A 288 13.50 -21.59 34.64
CA LYS A 288 13.90 -20.87 35.84
C LYS A 288 13.95 -19.35 35.62
N TYR A 289 13.88 -18.92 34.37
CA TYR A 289 13.94 -17.50 34.03
C TYR A 289 12.62 -16.81 34.35
N THR A 290 12.59 -16.13 35.50
CA THR A 290 11.42 -15.35 35.93
C THR A 290 11.29 -14.08 35.10
N ARG A 291 12.42 -13.57 34.61
CA ARG A 291 12.45 -12.45 33.68
C ARG A 291 13.00 -12.89 32.33
N GLN A 292 12.41 -12.42 31.24
CA GLN A 292 12.86 -12.76 29.89
C GLN A 292 14.25 -12.19 29.59
N THR A 293 14.54 -11.02 30.14
CA THR A 293 15.86 -10.40 29.98
C THR A 293 16.98 -11.16 30.70
N ASP A 294 16.62 -11.99 31.68
CA ASP A 294 17.60 -12.82 32.39
C ASP A 294 18.16 -13.95 31.53
N SER A 295 17.40 -14.38 30.51
CA SER A 295 17.85 -15.42 29.59
C SER A 295 18.68 -14.81 28.46
N ARG A 296 19.95 -15.16 28.41
CA ARG A 296 20.80 -14.69 27.32
C ARG A 296 20.46 -15.36 25.98
N THR A 297 19.82 -16.53 26.04
CA THR A 297 19.27 -17.17 24.84
C THR A 297 18.13 -16.32 24.26
N PHE A 298 17.31 -15.75 25.14
CA PHE A 298 16.24 -14.85 24.72
C PHE A 298 16.78 -13.56 24.10
N VAL A 299 17.81 -12.99 24.72
CA VAL A 299 18.35 -11.70 24.31
C VAL A 299 19.02 -11.79 22.94
N SER A 300 19.91 -12.77 22.77
CA SER A 300 20.58 -12.98 21.49
C SER A 300 19.58 -13.28 20.37
N SER A 301 18.59 -14.14 20.66
CA SER A 301 17.53 -14.44 19.69
C SER A 301 16.78 -13.19 19.27
N LEU A 302 16.47 -12.33 20.25
CA LEU A 302 15.79 -11.08 19.98
C LEU A 302 16.67 -10.15 19.15
N GLY A 303 17.97 -10.13 19.48
CA GLY A 303 18.95 -9.38 18.70
C GLY A 303 19.00 -9.82 17.25
N ARG A 304 18.93 -11.14 17.04
CA ARG A 304 18.93 -11.71 15.71
C ARG A 304 17.66 -11.32 14.95
N THR A 305 16.51 -11.51 15.59
CA THR A 305 15.22 -11.16 15.01
C THR A 305 15.14 -9.68 14.66
N ALA A 306 15.66 -8.83 15.55
CA ALA A 306 15.70 -7.39 15.31
C ALA A 306 16.50 -7.04 14.07
N LEU A 307 17.60 -7.76 13.85
CA LEU A 307 18.46 -7.51 12.69
C LEU A 307 17.81 -7.91 11.37
N SER A 308 16.91 -8.90 11.40
CA SER A 308 16.14 -9.26 10.21
C SER A 308 15.19 -8.12 9.85
N ILE A 309 14.51 -7.59 10.86
CA ILE A 309 13.58 -6.47 10.68
C ILE A 309 14.35 -5.23 10.21
N ASP A 310 15.55 -5.03 10.75
CA ASP A 310 16.43 -3.94 10.29
C ASP A 310 16.80 -4.09 8.81
N ALA A 311 17.03 -5.32 8.37
CA ALA A 311 17.33 -5.60 6.97
C ALA A 311 16.15 -5.23 6.07
N ALA A 312 14.95 -5.65 6.47
CA ALA A 312 13.73 -5.31 5.74
C ALA A 312 13.56 -3.80 5.65
N GLU A 313 13.86 -3.10 6.73
CA GLU A 313 13.82 -1.63 6.76
C GLU A 313 14.80 -1.04 5.74
N MET A 314 16.01 -1.57 5.72
CA MET A 314 17.03 -1.13 4.77
C MET A 314 16.65 -1.48 3.32
N HIS A 315 15.97 -2.61 3.13
CA HIS A 315 15.47 -3.01 1.80
C HIS A 315 14.46 -2.00 1.24
N VAL A 316 13.44 -1.70 2.03
CA VAL A 316 12.38 -0.78 1.64
C VAL A 316 12.94 0.61 1.35
N ALA A 317 13.84 1.08 2.22
CA ALA A 317 14.48 2.38 2.06
C ALA A 317 15.34 2.44 0.80
N ARG A 318 16.10 1.37 0.55
CA ARG A 318 16.93 1.29 -0.65
C ARG A 318 16.09 1.52 -1.91
N ALA A 319 14.97 0.79 -1.99
CA ALA A 319 14.06 0.89 -3.12
C ALA A 319 13.44 2.28 -3.21
N ALA A 320 12.92 2.77 -2.08
CA ALA A 320 12.32 4.10 -2.02
C ALA A 320 13.29 5.16 -2.52
N THR A 321 14.54 5.05 -2.10
CA THR A 321 15.58 6.01 -2.48
C THR A 321 15.93 5.92 -3.97
N ALA A 322 15.96 4.70 -4.51
CA ALA A 322 16.21 4.50 -5.94
C ALA A 322 15.14 5.17 -6.80
N LEU A 323 13.88 5.02 -6.39
CA LEU A 323 12.76 5.65 -7.09
C LEU A 323 12.78 7.18 -6.98
N ASP A 324 13.10 7.68 -5.78
CA ASP A 324 13.17 9.13 -5.53
C ASP A 324 14.33 9.80 -6.26
N ASP A 325 15.49 9.16 -6.24
CA ASP A 325 16.69 9.68 -6.92
C ASP A 325 16.45 9.84 -8.42
N ALA A 326 15.90 8.79 -9.04
CA ALA A 326 15.62 8.80 -10.47
C ALA A 326 14.55 9.83 -10.84
N ALA A 327 13.57 10.01 -9.97
CA ALA A 327 12.50 10.98 -10.19
C ALA A 327 13.04 12.41 -10.19
N TYR A 328 13.83 12.74 -9.16
CA TYR A 328 14.46 14.05 -9.06
C TYR A 328 15.48 14.26 -10.17
N ASP A 329 16.27 13.23 -10.48
CA ASP A 329 17.26 13.29 -11.57
C ASP A 329 16.63 13.28 -12.96
N ALA A 330 15.35 12.90 -13.04
CA ALA A 330 14.62 12.83 -14.31
C ALA A 330 15.19 11.79 -15.27
N VAL A 331 15.73 10.71 -14.71
CA VAL A 331 16.23 9.58 -15.51
C VAL A 331 15.24 8.42 -15.38
N ALA A 332 15.16 7.60 -16.43
CA ALA A 332 14.31 6.42 -16.42
C ALA A 332 15.07 5.27 -15.77
N LEU A 333 14.44 4.59 -14.82
CA LEU A 333 15.02 3.40 -14.22
C LEU A 333 15.00 2.27 -15.23
N PRO A 334 16.15 1.59 -15.44
CA PRO A 334 16.14 0.43 -16.32
C PRO A 334 15.35 -0.71 -15.70
N ASP A 335 14.95 -1.69 -16.51
CA ASP A 335 14.15 -2.82 -16.02
C ASP A 335 14.83 -3.55 -14.87
N SER A 336 16.15 -3.73 -14.98
CA SER A 336 16.95 -4.41 -13.96
C SER A 336 16.77 -3.80 -12.56
N GLU A 337 16.72 -2.48 -12.49
CA GLU A 337 16.50 -1.78 -11.23
C GLU A 337 15.08 -2.02 -10.71
N LEU A 338 14.10 -1.94 -11.61
CA LEU A 338 12.70 -2.18 -11.26
C LEU A 338 12.48 -3.63 -10.81
N LEU A 339 13.10 -4.57 -11.53
CA LEU A 339 13.07 -5.98 -11.16
C LEU A 339 13.68 -6.21 -9.78
N ARG A 340 14.76 -5.48 -9.50
CA ARG A 340 15.42 -5.57 -8.19
C ARG A 340 14.53 -5.03 -7.08
N ILE A 341 13.86 -3.91 -7.34
CA ILE A 341 12.94 -3.31 -6.37
C ILE A 341 11.82 -4.29 -6.01
N ARG A 342 11.34 -5.05 -7.00
CA ARG A 342 10.31 -6.05 -6.76
C ARG A 342 10.82 -7.19 -5.87
N GLY A 343 12.11 -7.50 -5.98
CA GLY A 343 12.75 -8.46 -5.08
C GLY A 343 12.92 -7.91 -3.68
N ASP A 344 13.31 -6.64 -3.58
CA ASP A 344 13.49 -5.97 -2.28
C ASP A 344 12.20 -6.00 -1.44
N VAL A 345 11.08 -5.62 -2.05
CA VAL A 345 9.80 -5.56 -1.33
C VAL A 345 9.30 -6.93 -0.89
N GLY A 346 9.47 -7.93 -1.75
CA GLY A 346 9.10 -9.31 -1.41
C GLY A 346 9.97 -9.87 -0.30
N GLN A 347 11.27 -9.56 -0.36
CA GLN A 347 12.22 -9.99 0.66
C GLN A 347 11.91 -9.34 2.00
N ALA A 348 11.66 -8.03 1.97
CA ALA A 348 11.39 -7.26 3.19
C ALA A 348 10.19 -7.82 3.95
N VAL A 349 9.08 -8.04 3.25
CA VAL A 349 7.87 -8.55 3.90
C VAL A 349 8.03 -10.01 4.34
N SER A 350 8.82 -10.79 3.59
CA SER A 350 9.11 -12.17 3.94
C SER A 350 9.91 -12.24 5.25
N LEU A 351 10.88 -11.34 5.39
CA LEU A 351 11.65 -11.22 6.62
C LEU A 351 10.77 -10.83 7.80
N VAL A 352 9.81 -9.94 7.57
CA VAL A 352 8.92 -9.45 8.63
C VAL A 352 8.00 -10.56 9.15
N THR A 353 7.40 -11.32 8.23
CA THR A 353 6.51 -12.42 8.63
C THR A 353 7.25 -13.52 9.40
N THR A 354 8.48 -13.82 8.97
CA THR A 354 9.33 -14.75 9.71
C THR A 354 9.73 -14.17 11.07
N ALA A 355 10.05 -12.88 11.07
CA ALA A 355 10.41 -12.17 12.30
C ALA A 355 9.27 -12.17 13.30
N LEU A 356 8.05 -12.00 12.79
CA LEU A 356 6.85 -12.01 13.64
C LEU A 356 6.66 -13.37 14.31
N ASP A 357 6.86 -14.45 13.56
CA ASP A 357 6.81 -15.80 14.12
C ASP A 357 7.83 -15.95 15.26
N GLU A 358 9.03 -15.42 15.03
CA GLU A 358 10.08 -15.43 16.04
C GLU A 358 9.70 -14.59 17.26
N LEU A 359 9.01 -13.48 17.04
CA LEU A 359 8.58 -12.60 18.15
C LEU A 359 7.46 -13.24 18.99
N LEU A 360 6.60 -14.03 18.37
CA LEU A 360 5.57 -14.78 19.10
C LEU A 360 6.22 -15.81 20.02
N TRP A 361 7.27 -16.47 19.52
CA TRP A 361 8.07 -17.39 20.33
C TRP A 361 8.71 -16.68 21.51
N ALA A 362 9.30 -15.52 21.23
CA ALA A 362 9.93 -14.71 22.28
C ALA A 362 8.92 -14.33 23.36
N HIS A 363 7.77 -13.82 22.94
CA HIS A 363 6.76 -13.36 23.88
C HIS A 363 6.12 -14.54 24.63
N GLY A 364 5.50 -15.46 23.89
CA GLY A 364 4.88 -16.64 24.50
C GLY A 364 3.39 -16.70 24.26
N ALA A 365 2.71 -17.50 25.08
CA ALA A 365 1.28 -17.80 24.89
C ALA A 365 0.36 -16.57 25.00
N ALA A 366 0.75 -15.59 25.81
CA ALA A 366 -0.07 -14.39 26.00
C ALA A 366 -0.24 -13.58 24.72
N SER A 367 0.66 -13.78 23.76
CA SER A 367 0.63 -13.07 22.48
C SER A 367 -0.67 -13.29 21.70
N PHE A 368 -1.30 -14.45 21.88
CA PHE A 368 -2.50 -14.82 21.12
C PHE A 368 -3.82 -14.40 21.77
N ALA A 369 -3.74 -13.72 22.92
CA ALA A 369 -4.92 -13.15 23.55
C ALA A 369 -5.44 -11.98 22.71
N GLU A 370 -6.76 -11.86 22.61
CA GLU A 370 -7.38 -10.79 21.83
C GLU A 370 -7.03 -9.41 22.39
N SER A 371 -6.80 -9.33 23.70
CA SER A 371 -6.41 -8.07 24.34
C SER A 371 -4.98 -7.63 23.98
N ASN A 372 -4.17 -8.57 23.50
CA ASN A 372 -2.78 -8.30 23.16
C ASN A 372 -2.60 -7.76 21.73
N PRO A 373 -1.99 -6.57 21.58
CA PRO A 373 -1.73 -6.03 20.23
C PRO A 373 -0.79 -6.86 19.35
N LEU A 374 -0.02 -7.78 19.95
CA LEU A 374 0.97 -8.54 19.20
C LEU A 374 0.35 -9.44 18.13
N GLN A 375 -0.70 -10.17 18.49
CA GLN A 375 -1.43 -11.01 17.51
C GLN A 375 -2.14 -10.18 16.43
N ARG A 376 -2.42 -8.92 16.76
CA ARG A 376 -3.03 -8.00 15.81
C ARG A 376 -2.05 -7.57 14.73
N TYR A 377 -0.84 -7.21 15.14
CA TYR A 377 0.25 -6.92 14.20
C TYR A 377 0.58 -8.15 13.38
N TRP A 378 0.64 -9.30 14.06
CA TRP A 378 0.92 -10.59 13.44
C TRP A 378 -0.07 -10.91 12.31
N ARG A 379 -1.35 -10.81 12.61
CA ARG A 379 -2.40 -11.12 11.64
C ARG A 379 -2.47 -10.10 10.50
N ASP A 380 -2.44 -8.81 10.84
CA ASP A 380 -2.53 -7.75 9.84
C ASP A 380 -1.37 -7.77 8.86
N ALA A 381 -0.15 -7.94 9.38
CA ALA A 381 1.05 -7.99 8.56
C ALA A 381 1.05 -9.21 7.63
N ASN A 382 0.69 -10.37 8.19
CA ASN A 382 0.65 -11.61 7.41
C ASN A 382 -0.38 -11.58 6.28
N THR A 383 -1.55 -11.01 6.55
CA THR A 383 -2.59 -10.90 5.54
C THR A 383 -2.15 -9.96 4.42
N ALA A 384 -1.72 -8.75 4.79
CA ALA A 384 -1.30 -7.74 3.83
C ALA A 384 -0.11 -8.19 2.97
N ALA A 385 0.79 -8.96 3.58
CA ALA A 385 2.01 -9.41 2.91
C ALA A 385 1.76 -10.25 1.65
N ARG A 386 0.62 -10.92 1.58
CA ARG A 386 0.28 -11.76 0.42
C ARG A 386 -0.38 -10.97 -0.73
N HIS A 387 -0.15 -9.68 -0.75
CA HIS A 387 -0.60 -8.86 -1.82
C HIS A 387 0.25 -9.22 -3.03
N ALA A 388 -0.33 -9.25 -4.21
CA ALA A 388 0.35 -9.68 -5.44
C ALA A 388 1.71 -9.00 -5.64
N MET A 389 1.72 -7.71 -5.49
CA MET A 389 2.91 -6.90 -5.64
C MET A 389 3.97 -7.15 -4.60
N LEU A 390 3.64 -7.87 -3.56
CA LEU A 390 4.58 -8.22 -2.50
C LEU A 390 4.93 -9.72 -2.48
N ASN A 391 4.60 -10.45 -3.54
CA ASN A 391 4.85 -11.88 -3.58
C ASN A 391 6.35 -12.18 -3.59
N VAL A 392 6.82 -12.83 -2.54
CA VAL A 392 8.24 -13.10 -2.35
C VAL A 392 8.82 -14.06 -3.40
N HIS A 393 8.06 -15.09 -3.75
CA HIS A 393 8.51 -16.09 -4.73
C HIS A 393 8.61 -15.50 -6.12
N VAL A 394 7.63 -14.65 -6.47
CA VAL A 394 7.64 -13.96 -7.74
C VAL A 394 8.79 -12.95 -7.76
N GLY A 395 8.97 -12.25 -6.64
CA GLY A 395 10.05 -11.28 -6.48
C GLY A 395 11.42 -11.89 -6.69
N HIS A 396 11.65 -13.07 -6.11
CA HIS A 396 12.91 -13.79 -6.25
C HIS A 396 13.18 -14.15 -7.71
N GLU A 397 12.17 -14.70 -8.38
CA GLU A 397 12.31 -15.11 -9.78
C GLU A 397 12.53 -13.91 -10.70
N LEU A 398 11.90 -12.78 -10.38
CA LEU A 398 12.09 -11.55 -11.14
C LEU A 398 13.52 -11.03 -11.03
N TYR A 399 13.98 -10.85 -9.79
CA TYR A 399 15.31 -10.31 -9.52
C TYR A 399 16.41 -11.26 -10.00
N GLY A 400 16.24 -12.55 -9.75
CA GLY A 400 17.15 -13.57 -10.26
C GLY A 400 17.23 -13.53 -11.77
N GLY A 401 16.08 -13.34 -12.42
CA GLY A 401 16.01 -13.29 -13.88
C GLY A 401 16.71 -12.10 -14.51
N SER A 402 16.78 -10.99 -13.77
CA SER A 402 17.43 -9.77 -14.26
C SER A 402 18.92 -9.96 -14.49
N PHE A 403 19.54 -10.88 -13.76
CA PHE A 403 20.96 -11.18 -13.93
C PHE A 403 21.29 -11.77 -15.30
N PHE A 404 20.31 -12.44 -15.91
CA PHE A 404 20.50 -13.09 -17.21
C PHE A 404 19.62 -12.49 -18.31
N GLY A 405 18.90 -11.41 -17.99
CA GLY A 405 18.04 -10.74 -18.96
C GLY A 405 16.88 -11.59 -19.46
N LEU A 406 16.34 -12.45 -18.60
CA LEU A 406 15.20 -13.29 -18.95
C LEU A 406 13.94 -12.44 -19.06
N ASP A 407 12.92 -12.97 -19.72
CA ASP A 407 11.63 -12.28 -19.82
C ASP A 407 10.98 -12.21 -18.44
N PRO A 408 10.57 -10.99 -18.02
CA PRO A 408 9.82 -10.87 -16.77
C PRO A 408 8.56 -11.73 -16.75
N ILE A 409 8.30 -12.38 -15.63
CA ILE A 409 7.14 -13.25 -15.45
C ILE A 409 5.88 -12.49 -15.05
N VAL A 410 6.00 -11.17 -14.88
CA VAL A 410 4.85 -10.30 -14.63
C VAL A 410 4.69 -9.31 -15.78
N PRO A 411 3.45 -8.86 -16.06
CA PRO A 411 3.22 -7.91 -17.15
C PRO A 411 3.59 -6.47 -16.80
N SER A 412 3.46 -6.10 -15.54
CA SER A 412 3.74 -4.75 -15.14
C SER A 412 4.95 -4.56 -14.28
N LEU A 413 5.68 -3.49 -14.55
CA LEU A 413 6.88 -3.12 -13.77
C LEU A 413 6.80 -1.68 -13.31
N1 FAD B . -5.04 -5.94 -5.77
C2 FAD B . -5.41 -4.82 -6.42
O2 FAD B . -5.30 -4.79 -7.64
N3 FAD B . -5.88 -3.73 -5.81
C4 FAD B . -6.02 -3.68 -4.50
O4 FAD B . -6.46 -2.67 -3.93
C4X FAD B . -5.65 -4.85 -3.72
N5 FAD B . -5.78 -4.83 -2.39
C5X FAD B . -5.44 -5.90 -1.67
C6 FAD B . -5.61 -5.80 -0.30
C7 FAD B . -5.28 -6.86 0.50
C7M FAD B . -5.45 -6.76 1.98
C8 FAD B . -4.74 -8.09 -0.10
C8M FAD B . -4.41 -9.22 0.81
C9 FAD B . -4.58 -8.19 -1.48
C9A FAD B . -4.90 -7.13 -2.31
N10 FAD B . -4.76 -7.18 -3.73
C10 FAD B . -5.13 -6.03 -4.43
C1' FAD B . -4.23 -8.29 -4.55
C2' FAD B . -4.73 -9.69 -4.26
O2' FAD B . -3.98 -10.19 -3.18
C3' FAD B . -4.45 -10.69 -5.36
O3' FAD B . -5.19 -10.33 -6.52
C4' FAD B . -4.81 -12.10 -4.89
O4' FAD B . -3.65 -12.93 -4.86
C5' FAD B . -5.85 -12.82 -5.74
O5' FAD B . -5.80 -14.20 -5.44
P FAD B . -6.80 -14.88 -4.39
O1P FAD B . -5.96 -15.87 -3.65
O2P FAD B . -7.52 -13.80 -3.66
O3P FAD B . -7.85 -15.67 -5.28
N1 IND C . -3.05 -0.44 -7.79
C2 IND C . -3.85 -1.09 -6.99
C3 IND C . -3.38 -2.31 -6.86
C4 IND C . -1.44 -3.39 -7.76
C5 IND C . -0.33 -3.22 -8.57
C6 IND C . -0.11 -2.02 -9.17
C7 IND C . -1.03 -1.02 -8.91
C8 IND C . -2.07 -1.24 -8.14
C9 IND C . -2.27 -2.40 -7.57
S SO4 D . -2.52 25.79 -16.86
O1 SO4 D . -3.45 25.71 -18.01
O2 SO4 D . -2.12 27.21 -16.64
O3 SO4 D . -3.20 25.29 -15.63
O4 SO4 D . -1.30 24.99 -17.13
#